data_5JRQ
#
_entry.id   5JRQ
#
_cell.length_a   56.836
_cell.length_b   67.753
_cell.length_c   67.881
_cell.angle_alpha   90.000
_cell.angle_beta   90.320
_cell.angle_gamma   90.000
#
_symmetry.space_group_name_H-M   'P 1 21 1'
#
loop_
_entity.id
_entity.type
_entity.pdbx_description
1 polymer 'Serine/threonine-protein kinase B-raf'
2 non-polymer N-{2,4-difluoro-3-[5-(4-methoxyphenyl)-1H-pyrrolo[2,3-b]pyridine-3-carbonyl]phenyl}propane-1-sulfonamide
3 non-polymer 'DIMETHYL SULFOXIDE'
4 non-polymer GLYCEROL
5 non-polymer 'TETRAMETHYLAMMONIUM ION'
6 water water
#
_entity_poly.entity_id   1
_entity_poly.type   'polypeptide(L)'
_entity_poly.pdbx_seq_one_letter_code
;GSEFDDWEIPDGQITVGQRIGSGSFGTVYKGKWHGDVAVKMLNVTAPTPQQLQAFKNEVGVLRKTRHVNILLFMGYSTKP
QLAIVTQWCEGSSLYHHLHASETKFEMKKLIDIARQTARGMDYLHAKSIIHRDLKSNNIFLHEDNTVKIGDFGLATEKSR
WSGSHQFEQLSGSILWMAPEVIRMQDSNPYSFQSDVYAFGIVLYELMTGQLPYSNINNRDQIIEMVGRGSLSPDLSKVRS
NCPKRMKRLMAECLKKKRDERPSFPRILAEIEELARELSG
;
_entity_poly.pdbx_strand_id   A,B
#
# COMPACT_ATOMS: atom_id res chain seq x y z
N PHE A 4 -9.10 -21.58 -23.89
CA PHE A 4 -9.77 -21.38 -22.62
C PHE A 4 -10.82 -20.27 -22.65
N ASP A 5 -11.60 -20.26 -23.71
CA ASP A 5 -12.69 -19.31 -23.97
C ASP A 5 -13.53 -18.97 -22.72
N ASP A 6 -13.79 -19.99 -21.89
CA ASP A 6 -14.64 -19.87 -20.72
C ASP A 6 -14.00 -19.09 -19.58
N TRP A 7 -12.67 -19.00 -19.63
CA TRP A 7 -11.91 -18.28 -18.62
C TRP A 7 -11.46 -16.92 -19.11
N GLU A 8 -11.78 -16.59 -20.36
CA GLU A 8 -11.42 -15.26 -20.85
C GLU A 8 -12.30 -14.21 -20.20
N ILE A 9 -11.66 -13.12 -19.76
CA ILE A 9 -12.35 -11.95 -19.27
C ILE A 9 -12.04 -10.77 -20.18
N PRO A 10 -12.95 -10.46 -21.09
CA PRO A 10 -12.76 -9.32 -22.00
C PRO A 10 -12.64 -8.00 -21.23
N ASP A 11 -11.94 -7.03 -21.83
CA ASP A 11 -11.69 -5.75 -21.16
C ASP A 11 -12.97 -5.00 -20.78
N GLY A 12 -14.07 -5.32 -21.45
CA GLY A 12 -15.34 -4.70 -21.11
C GLY A 12 -15.91 -5.16 -19.77
N GLN A 13 -15.29 -6.15 -19.14
CA GLN A 13 -15.87 -6.72 -17.92
C GLN A 13 -15.05 -6.40 -16.66
N ILE A 14 -13.91 -5.77 -16.84
CA ILE A 14 -13.03 -5.51 -15.71
C ILE A 14 -12.71 -4.04 -15.60
N THR A 15 -12.80 -3.50 -14.38
CA THR A 15 -12.35 -2.13 -14.14
C THR A 15 -10.99 -2.13 -13.44
N VAL A 16 -9.93 -1.87 -14.21
CA VAL A 16 -8.59 -1.82 -13.64
C VAL A 16 -8.40 -0.56 -12.81
N GLY A 17 -8.00 -0.73 -11.55
CA GLY A 17 -7.84 0.39 -10.65
C GLY A 17 -6.40 0.70 -10.34
N GLN A 18 -6.11 0.92 -9.06
CA GLN A 18 -4.83 1.46 -8.64
C GLN A 18 -3.64 0.51 -8.86
N ARG A 19 -2.49 1.07 -9.25
CA ARG A 19 -1.28 0.27 -9.44
C ARG A 19 -0.77 -0.21 -8.08
N ILE A 20 -0.46 -1.50 -7.97
CA ILE A 20 0.01 -2.01 -6.69
C ILE A 20 1.52 -2.12 -6.67
N GLY A 21 2.08 -2.67 -7.74
CA GLY A 21 3.52 -2.82 -7.86
C GLY A 21 3.91 -3.79 -8.97
N SER A 22 5.21 -4.04 -9.10
CA SER A 22 5.67 -4.97 -10.14
C SER A 22 6.09 -6.31 -9.54
N GLY A 23 5.20 -7.29 -9.64
CA GLY A 23 5.51 -8.64 -9.19
C GLY A 23 6.26 -9.41 -10.27
N SER A 24 6.23 -10.73 -10.16
CA SER A 24 6.83 -11.57 -11.18
C SER A 24 6.13 -11.40 -12.52
N PHE A 25 6.92 -11.15 -13.57
CA PHE A 25 6.45 -11.20 -14.94
C PHE A 25 5.59 -10.00 -15.41
N GLY A 26 5.03 -9.24 -14.48
CA GLY A 26 4.21 -8.12 -14.88
C GLY A 26 3.87 -7.12 -13.79
N THR A 27 2.94 -6.23 -14.11
CA THR A 27 2.57 -5.16 -13.19
C THR A 27 1.18 -5.41 -12.60
N VAL A 28 1.10 -5.24 -11.29
CA VAL A 28 -0.10 -5.58 -10.55
C VAL A 28 -0.93 -4.36 -10.18
N TYR A 29 -2.22 -4.43 -10.52
CA TYR A 29 -3.22 -3.44 -10.16
C TYR A 29 -4.36 -4.05 -9.33
N LYS A 30 -5.02 -3.25 -8.50
CA LYS A 30 -6.31 -3.64 -7.93
C LYS A 30 -7.42 -3.41 -8.96
N GLY A 31 -8.45 -4.27 -8.97
CA GLY A 31 -9.49 -4.10 -9.96
C GLY A 31 -10.86 -4.54 -9.52
N LYS A 32 -11.85 -4.37 -10.39
CA LYS A 32 -13.21 -4.83 -10.12
C LYS A 32 -13.68 -5.79 -11.22
N TRP A 33 -14.22 -6.93 -10.79
CA TRP A 33 -14.80 -7.93 -11.66
C TRP A 33 -15.67 -8.82 -10.81
N HIS A 34 -16.93 -8.41 -10.62
CA HIS A 34 -17.85 -9.13 -9.78
C HIS A 34 -17.30 -9.05 -8.37
N GLY A 35 -16.74 -7.89 -8.05
CA GLY A 35 -16.04 -7.73 -6.78
C GLY A 35 -14.59 -7.36 -7.00
N ASP A 36 -13.83 -7.34 -5.90
CA ASP A 36 -12.43 -7.01 -5.88
C ASP A 36 -11.64 -8.12 -6.55
N VAL A 37 -10.66 -7.76 -7.35
CA VAL A 37 -9.75 -8.74 -7.94
C VAL A 37 -8.37 -8.11 -7.98
N ALA A 38 -7.34 -8.93 -8.16
CA ALA A 38 -6.06 -8.39 -8.59
C ALA A 38 -5.92 -8.74 -10.06
N VAL A 39 -5.33 -7.84 -10.83
CA VAL A 39 -5.03 -8.13 -12.21
C VAL A 39 -3.56 -7.90 -12.44
N LYS A 40 -2.87 -8.91 -12.95
CA LYS A 40 -1.47 -8.73 -13.33
C LYS A 40 -1.38 -8.51 -14.83
N MET A 41 -0.93 -7.31 -15.21
CA MET A 41 -0.75 -6.99 -16.62
C MET A 41 0.63 -7.45 -17.05
N LEU A 42 0.68 -8.37 -18.00
CA LEU A 42 1.95 -8.88 -18.49
C LEU A 42 2.52 -7.94 -19.54
N ASN A 43 3.83 -8.02 -19.72
CA ASN A 43 4.49 -7.11 -20.63
C ASN A 43 4.33 -7.54 -22.11
N VAL A 44 3.09 -7.62 -22.55
CA VAL A 44 2.78 -8.16 -23.87
C VAL A 44 1.49 -7.58 -24.40
N THR A 45 1.58 -6.91 -25.54
CA THR A 45 0.41 -6.49 -26.28
C THR A 45 0.60 -6.97 -27.70
N ALA A 46 -0.52 -7.22 -28.38
CA ALA A 46 -0.47 -7.75 -29.74
C ALA A 46 0.42 -8.98 -29.74
N PRO A 47 0.05 -9.99 -28.95
CA PRO A 47 0.85 -11.22 -28.94
C PRO A 47 0.91 -11.88 -30.33
N THR A 48 2.08 -12.41 -30.67
CA THR A 48 2.16 -13.28 -31.83
C THR A 48 1.41 -14.57 -31.51
N PRO A 49 1.00 -15.32 -32.56
CA PRO A 49 0.32 -16.59 -32.35
C PRO A 49 1.08 -17.51 -31.40
N GLN A 50 2.41 -17.49 -31.46
CA GLN A 50 3.22 -18.30 -30.54
C GLN A 50 3.15 -17.80 -29.08
N GLN A 51 3.22 -16.48 -28.88
CA GLN A 51 3.09 -15.97 -27.51
C GLN A 51 1.72 -16.34 -26.95
N LEU A 52 0.69 -16.15 -27.76
CA LEU A 52 -0.68 -16.44 -27.35
C LEU A 52 -0.82 -17.90 -26.97
N GLN A 53 -0.31 -18.80 -27.82
CA GLN A 53 -0.38 -20.23 -27.56
C GLN A 53 0.31 -20.58 -26.24
N ALA A 54 1.53 -20.09 -26.04
CA ALA A 54 2.23 -20.33 -24.79
C ALA A 54 1.39 -19.81 -23.65
N PHE A 55 0.84 -18.61 -23.81
CA PHE A 55 0.06 -18.03 -22.74
C PHE A 55 -1.16 -18.91 -22.44
N LYS A 56 -1.83 -19.39 -23.50
CA LYS A 56 -3.00 -20.24 -23.35
C LYS A 56 -2.69 -21.56 -22.62
N ASN A 57 -1.57 -22.20 -22.95
CA ASN A 57 -1.13 -23.38 -22.22
C ASN A 57 -1.01 -23.10 -20.72
N GLU A 58 -0.48 -21.92 -20.39
CA GLU A 58 -0.26 -21.56 -19.00
C GLU A 58 -1.61 -21.38 -18.29
N VAL A 59 -2.53 -20.67 -18.93
CA VAL A 59 -3.90 -20.54 -18.44
C VAL A 59 -4.46 -21.94 -18.21
N GLY A 60 -4.20 -22.84 -19.16
CA GLY A 60 -4.58 -24.24 -19.05
C GLY A 60 -4.17 -24.88 -17.73
N VAL A 61 -2.95 -24.64 -17.29
CA VAL A 61 -2.52 -25.14 -15.98
C VAL A 61 -3.27 -24.42 -14.86
N LEU A 62 -3.29 -23.09 -14.91
CA LEU A 62 -3.86 -22.26 -13.84
C LEU A 62 -5.34 -22.55 -13.55
N ARG A 63 -6.09 -22.84 -14.59
CA ARG A 63 -7.52 -23.06 -14.43
C ARG A 63 -7.81 -24.35 -13.67
N LYS A 64 -6.83 -25.24 -13.62
CA LYS A 64 -7.01 -26.53 -12.96
C LYS A 64 -6.40 -26.57 -11.56
N THR A 65 -5.76 -25.49 -11.12
CA THR A 65 -5.19 -25.39 -9.77
C THR A 65 -6.17 -24.87 -8.74
N ARG A 66 -6.28 -25.52 -7.59
CA ARG A 66 -7.18 -24.96 -6.59
C ARG A 66 -6.81 -25.38 -5.19
N HIS A 67 -6.35 -24.41 -4.42
CA HIS A 67 -5.93 -24.68 -3.09
C HIS A 67 -6.03 -23.41 -2.28
N VAL A 68 -6.44 -23.54 -1.02
CA VAL A 68 -6.70 -22.37 -0.19
C VAL A 68 -5.44 -21.54 0.09
N ASN A 69 -4.26 -22.14 -0.11
CA ASN A 69 -3.01 -21.42 0.15
C ASN A 69 -2.28 -21.02 -1.12
N ILE A 70 -3.06 -20.87 -2.18
CA ILE A 70 -2.60 -20.26 -3.41
C ILE A 70 -3.73 -19.39 -3.99
N LEU A 71 -3.34 -18.28 -4.62
CA LEU A 71 -4.31 -17.37 -5.21
C LEU A 71 -5.25 -18.14 -6.12
N LEU A 72 -6.54 -17.88 -5.96
CA LEU A 72 -7.56 -18.45 -6.82
C LEU A 72 -7.50 -17.78 -8.20
N PHE A 73 -7.28 -18.58 -9.25
CA PHE A 73 -7.28 -18.08 -10.61
C PHE A 73 -8.71 -17.77 -11.05
N MET A 74 -8.91 -16.58 -11.61
CA MET A 74 -10.25 -16.16 -12.01
C MET A 74 -10.41 -16.08 -13.52
N GLY A 75 -9.32 -15.80 -14.22
CA GLY A 75 -9.39 -15.76 -15.65
C GLY A 75 -8.29 -14.92 -16.25
N TYR A 76 -8.36 -14.71 -17.55
CA TYR A 76 -7.31 -14.02 -18.27
C TYR A 76 -7.87 -13.08 -19.33
N SER A 77 -7.06 -12.12 -19.75
CA SER A 77 -7.43 -11.24 -20.85
C SER A 77 -6.30 -11.27 -21.88
N THR A 78 -6.65 -11.07 -23.15
CA THR A 78 -5.66 -11.05 -24.23
C THR A 78 -5.54 -9.66 -24.82
N LYS A 79 -6.51 -8.80 -24.55
CA LYS A 79 -6.51 -7.46 -25.11
C LYS A 79 -7.07 -6.50 -24.10
N PRO A 80 -6.53 -5.27 -24.07
CA PRO A 80 -5.51 -4.78 -25.00
C PRO A 80 -4.12 -5.39 -24.75
N GLN A 81 -4.00 -6.09 -23.63
CA GLN A 81 -2.72 -6.60 -23.17
C GLN A 81 -3.00 -7.94 -22.52
N LEU A 82 -2.02 -8.83 -22.49
CA LEU A 82 -2.17 -10.08 -21.75
C LEU A 82 -2.28 -9.74 -20.27
N ALA A 83 -3.19 -10.42 -19.58
CA ALA A 83 -3.38 -10.21 -18.17
C ALA A 83 -3.87 -11.47 -17.46
N ILE A 84 -3.57 -11.54 -16.16
CA ILE A 84 -4.05 -12.60 -15.29
C ILE A 84 -4.86 -12.02 -14.13
N VAL A 85 -6.05 -12.56 -13.91
CA VAL A 85 -6.92 -12.08 -12.85
C VAL A 85 -7.09 -13.13 -11.75
N THR A 86 -6.94 -12.70 -10.50
CA THR A 86 -7.01 -13.59 -9.34
C THR A 86 -7.80 -12.86 -8.25
N GLN A 87 -8.13 -13.58 -7.18
CA GLN A 87 -8.80 -12.98 -6.02
C GLN A 87 -7.92 -11.90 -5.36
N TRP A 88 -8.57 -10.94 -4.71
CA TRP A 88 -7.85 -9.87 -4.02
C TRP A 88 -7.45 -10.23 -2.56
N CYS A 89 -6.26 -9.84 -2.15
CA CYS A 89 -5.80 -10.13 -0.80
C CYS A 89 -5.66 -8.83 -0.03
N GLU A 90 -6.64 -8.54 0.83
CA GLU A 90 -6.67 -7.26 1.50
C GLU A 90 -5.49 -7.00 2.46
N GLY A 91 -4.83 -8.08 2.91
CA GLY A 91 -3.73 -7.96 3.86
C GLY A 91 -2.35 -7.72 3.26
N SER A 92 -2.30 -7.36 1.98
CA SER A 92 -1.04 -7.16 1.24
C SER A 92 -0.07 -8.37 1.31
N SER A 93 1.23 -8.10 1.34
CA SER A 93 2.20 -9.18 1.24
C SER A 93 2.97 -9.42 2.53
N LEU A 94 3.40 -10.66 2.70
CA LEU A 94 4.25 -11.01 3.83
C LEU A 94 5.43 -10.06 3.86
N TYR A 95 6.00 -9.80 2.70
CA TYR A 95 7.16 -8.93 2.60
C TYR A 95 6.83 -7.57 3.22
N HIS A 96 5.73 -6.98 2.78
CA HIS A 96 5.31 -5.69 3.32
C HIS A 96 5.11 -5.73 4.85
N HIS A 97 4.47 -6.78 5.35
CA HIS A 97 4.27 -6.92 6.80
C HIS A 97 5.58 -6.99 7.59
N LEU A 98 6.47 -7.89 7.21
CA LEU A 98 7.72 -8.07 7.96
C LEU A 98 8.69 -6.89 7.79
N HIS A 99 8.81 -6.38 6.57
CA HIS A 99 9.91 -5.47 6.30
C HIS A 99 9.52 -3.98 6.19
N ALA A 100 8.30 -3.68 5.77
CA ALA A 100 7.89 -2.29 5.65
C ALA A 100 7.13 -1.79 6.87
N SER A 101 5.89 -2.26 7.04
CA SER A 101 5.07 -1.85 8.18
C SER A 101 5.52 -2.50 9.48
N GLU A 102 6.62 -3.25 9.42
CA GLU A 102 7.23 -3.92 10.59
C GLU A 102 6.23 -4.49 11.60
N THR A 103 5.09 -5.00 11.12
CA THR A 103 4.18 -5.78 11.93
C THR A 103 4.96 -6.82 12.73
N LYS A 104 4.60 -7.01 13.98
CA LYS A 104 5.27 -8.02 14.80
C LYS A 104 4.30 -9.13 15.09
N PHE A 105 4.51 -10.27 14.45
CA PHE A 105 3.67 -11.44 14.67
C PHE A 105 4.13 -12.18 15.90
N GLU A 106 3.18 -12.74 16.65
CA GLU A 106 3.50 -13.67 17.72
C GLU A 106 4.08 -14.91 17.06
N MET A 107 4.91 -15.65 17.79
CA MET A 107 5.55 -16.82 17.22
C MET A 107 4.53 -17.80 16.62
N LYS A 108 3.37 -17.92 17.27
CA LYS A 108 2.38 -18.86 16.80
C LYS A 108 1.81 -18.52 15.41
N LYS A 109 1.77 -17.22 15.07
CA LYS A 109 1.28 -16.80 13.77
C LYS A 109 2.38 -16.99 12.74
N LEU A 110 3.63 -16.78 13.17
CA LEU A 110 4.79 -17.03 12.34
C LEU A 110 4.79 -18.48 11.92
N ILE A 111 4.56 -19.37 12.88
CA ILE A 111 4.54 -20.79 12.60
C ILE A 111 3.36 -21.12 11.71
N ASP A 112 2.25 -20.44 11.94
CA ASP A 112 1.06 -20.65 11.14
C ASP A 112 1.32 -20.23 9.68
N ILE A 113 1.98 -19.10 9.49
CA ILE A 113 2.33 -18.58 8.16
C ILE A 113 3.28 -19.53 7.44
N ALA A 114 4.29 -20.02 8.15
CA ALA A 114 5.20 -21.01 7.58
C ALA A 114 4.45 -22.25 7.14
N ARG A 115 3.42 -22.62 7.91
CA ARG A 115 2.71 -23.87 7.70
C ARG A 115 1.84 -23.78 6.46
N GLN A 116 1.11 -22.67 6.35
CA GLN A 116 0.18 -22.48 5.24
C GLN A 116 0.98 -22.39 3.93
N THR A 117 2.10 -21.71 4.00
CA THR A 117 2.99 -21.59 2.86
C THR A 117 3.47 -22.97 2.43
N ALA A 118 3.79 -23.80 3.41
CA ALA A 118 4.27 -25.15 3.11
C ALA A 118 3.14 -25.91 2.45
N ARG A 119 1.94 -25.73 2.96
CA ARG A 119 0.78 -26.40 2.38
C ARG A 119 0.54 -25.97 0.94
N GLY A 120 0.71 -24.66 0.65
CA GLY A 120 0.64 -24.13 -0.71
C GLY A 120 1.71 -24.69 -1.65
N MET A 121 2.96 -24.63 -1.19
CA MET A 121 4.09 -25.16 -1.91
C MET A 121 3.98 -26.66 -2.14
N ASP A 122 3.53 -27.39 -1.12
CA ASP A 122 3.31 -28.83 -1.24
C ASP A 122 2.29 -29.09 -2.34
N TYR A 123 1.20 -28.32 -2.29
CA TYR A 123 0.16 -28.45 -3.29
C TYR A 123 0.72 -28.21 -4.69
N LEU A 124 1.47 -27.11 -4.88
CA LEU A 124 1.98 -26.78 -6.22
C LEU A 124 2.88 -27.89 -6.76
N HIS A 125 3.76 -28.39 -5.91
CA HIS A 125 4.66 -29.47 -6.26
C HIS A 125 3.94 -30.78 -6.58
N ALA A 126 2.90 -31.09 -5.82
CA ALA A 126 2.09 -32.25 -6.14
C ALA A 126 1.46 -32.05 -7.52
N LYS A 127 1.37 -30.79 -7.94
CA LYS A 127 0.75 -30.49 -9.23
C LYS A 127 1.78 -30.32 -10.37
N SER A 128 3.02 -30.70 -10.10
CA SER A 128 4.08 -30.66 -11.10
C SER A 128 4.48 -29.25 -11.46
N ILE A 129 4.06 -28.29 -10.62
CA ILE A 129 4.33 -26.88 -10.81
C ILE A 129 5.53 -26.44 -10.00
N ILE A 130 6.53 -25.90 -10.68
CA ILE A 130 7.67 -25.33 -9.99
C ILE A 130 7.46 -23.83 -9.90
N HIS A 131 7.64 -23.29 -8.70
CA HIS A 131 7.40 -21.85 -8.50
C HIS A 131 8.48 -20.99 -9.15
N ARG A 132 9.71 -21.17 -8.68
CA ARG A 132 10.91 -20.51 -9.21
C ARG A 132 11.12 -19.10 -8.66
N ASP A 133 10.07 -18.55 -8.07
CA ASP A 133 10.10 -17.15 -7.66
C ASP A 133 9.56 -16.95 -6.26
N LEU A 134 9.52 -18.02 -5.47
CA LEU A 134 8.94 -17.93 -4.14
C LEU A 134 9.73 -17.01 -3.25
N LYS A 135 9.08 -15.97 -2.74
CA LYS A 135 9.68 -15.05 -1.78
C LYS A 135 8.55 -14.37 -1.00
N SER A 136 8.89 -13.59 0.02
CA SER A 136 7.86 -12.99 0.88
C SER A 136 7.01 -12.00 0.10
N ASN A 137 7.59 -11.42 -0.95
CA ASN A 137 6.93 -10.45 -1.80
C ASN A 137 5.75 -11.06 -2.52
N ASN A 138 5.76 -12.38 -2.68
CA ASN A 138 4.62 -12.98 -3.36
C ASN A 138 3.93 -14.01 -2.50
N ILE A 139 3.99 -13.78 -1.20
CA ILE A 139 3.17 -14.52 -0.26
C ILE A 139 2.17 -13.57 0.36
N PHE A 140 0.89 -13.77 0.08
CA PHE A 140 -0.12 -12.76 0.43
C PHE A 140 -0.98 -13.15 1.62
N LEU A 141 -1.39 -12.15 2.39
CA LEU A 141 -2.30 -12.32 3.51
C LEU A 141 -3.70 -11.87 3.12
N HIS A 142 -4.62 -12.81 3.09
CA HIS A 142 -6.00 -12.54 2.72
C HIS A 142 -6.73 -11.93 3.91
N GLU A 143 -7.90 -11.36 3.65
CA GLU A 143 -8.72 -10.81 4.72
C GLU A 143 -9.03 -11.89 5.76
N ASP A 144 -9.36 -13.10 5.28
CA ASP A 144 -9.83 -14.17 6.18
C ASP A 144 -8.68 -14.83 6.96
N ASN A 145 -7.51 -14.21 6.93
CA ASN A 145 -6.31 -14.67 7.66
C ASN A 145 -5.61 -15.92 7.11
N THR A 146 -6.03 -16.36 5.92
CA THR A 146 -5.26 -17.32 5.20
C THR A 146 -4.11 -16.62 4.45
N VAL A 147 -3.09 -17.40 4.13
CA VAL A 147 -1.94 -16.98 3.35
C VAL A 147 -2.21 -17.54 1.96
N LYS A 148 -1.82 -16.81 0.91
CA LYS A 148 -1.97 -17.30 -0.45
C LYS A 148 -0.69 -17.05 -1.22
N ILE A 149 -0.16 -18.11 -1.83
CA ILE A 149 1.02 -17.97 -2.67
C ILE A 149 0.60 -17.54 -4.06
N GLY A 150 1.37 -16.62 -4.62
CA GLY A 150 1.21 -16.18 -6.01
C GLY A 150 2.51 -16.26 -6.79
N ASP A 151 2.46 -15.75 -8.01
CA ASP A 151 3.56 -15.73 -8.97
C ASP A 151 4.06 -17.11 -9.43
N PHE A 152 3.28 -18.15 -9.19
CA PHE A 152 3.60 -19.48 -9.69
C PHE A 152 3.02 -19.72 -11.09
N GLY A 153 2.30 -18.74 -11.63
CA GLY A 153 1.83 -18.85 -13.00
C GLY A 153 3.00 -18.93 -13.98
N LEU A 154 2.71 -19.45 -15.17
CA LEU A 154 3.67 -19.36 -16.27
C LEU A 154 4.98 -20.12 -16.07
N ALA A 155 4.91 -21.28 -15.43
CA ALA A 155 6.12 -22.08 -15.19
C ALA A 155 6.93 -22.41 -16.46
N THR A 156 6.27 -23.06 -17.43
CA THR A 156 6.92 -23.45 -18.68
C THR A 156 7.46 -22.26 -19.49
N GLU A 157 6.89 -21.08 -19.31
CA GLU A 157 7.37 -19.88 -19.98
C GLU A 157 8.63 -19.30 -19.31
N LYS A 158 8.69 -19.37 -17.99
CA LYS A 158 9.92 -19.01 -17.29
C LYS A 158 10.98 -20.01 -17.74
N SER A 159 10.53 -21.25 -17.88
CA SER A 159 11.37 -22.36 -18.32
C SER A 159 12.01 -22.09 -19.68
N ARG A 160 11.17 -21.85 -20.68
CA ARG A 160 11.59 -21.62 -22.06
C ARG A 160 12.24 -20.24 -22.26
N SER A 173 15.88 -10.63 -6.02
CA SER A 173 15.41 -11.99 -5.89
C SER A 173 16.60 -12.91 -5.63
N ILE A 174 17.79 -12.33 -5.68
CA ILE A 174 19.02 -13.08 -5.41
C ILE A 174 18.98 -13.68 -4.00
N LEU A 175 18.37 -12.94 -3.07
CA LEU A 175 18.33 -13.32 -1.65
C LEU A 175 17.60 -14.62 -1.40
N TRP A 176 16.70 -14.98 -2.30
CA TRP A 176 15.98 -16.25 -2.20
C TRP A 176 16.57 -17.36 -3.10
N MET A 177 17.65 -17.04 -3.81
CA MET A 177 18.21 -17.95 -4.82
C MET A 177 19.17 -18.96 -4.25
N ALA A 178 18.92 -20.23 -4.53
CA ALA A 178 19.81 -21.30 -4.13
C ALA A 178 21.12 -21.13 -4.88
N PRO A 179 22.23 -21.61 -4.29
CA PRO A 179 23.57 -21.52 -4.88
C PRO A 179 23.60 -22.04 -6.32
N GLU A 180 23.09 -23.24 -6.57
CA GLU A 180 23.19 -23.83 -7.90
C GLU A 180 22.39 -23.05 -8.94
N VAL A 181 21.46 -22.23 -8.46
CA VAL A 181 20.70 -21.38 -9.34
C VAL A 181 21.51 -20.13 -9.69
N ILE A 182 22.34 -19.68 -8.76
CA ILE A 182 23.17 -18.49 -9.00
C ILE A 182 24.35 -18.78 -9.94
N ARG A 183 24.93 -19.99 -9.83
CA ARG A 183 26.16 -20.33 -10.54
C ARG A 183 25.92 -21.27 -11.72
N MET A 184 24.94 -20.95 -12.55
CA MET A 184 24.49 -21.84 -13.61
C MET A 184 25.62 -22.30 -14.54
N ASN A 188 19.09 -24.56 -17.21
CA ASN A 188 18.15 -24.17 -16.16
C ASN A 188 18.31 -25.03 -14.92
N PRO A 189 18.96 -24.47 -13.90
CA PRO A 189 19.30 -25.20 -12.68
C PRO A 189 18.16 -25.16 -11.66
N TYR A 190 17.02 -24.59 -12.06
CA TYR A 190 15.81 -24.63 -11.25
C TYR A 190 15.24 -26.03 -11.08
N SER A 191 14.72 -26.32 -9.88
CA SER A 191 14.18 -27.63 -9.56
C SER A 191 13.28 -27.48 -8.35
N PHE A 192 12.64 -28.57 -7.94
CA PHE A 192 11.83 -28.53 -6.76
C PHE A 192 12.70 -28.16 -5.56
N GLN A 193 13.97 -28.60 -5.60
CA GLN A 193 14.84 -28.42 -4.46
C GLN A 193 15.21 -26.95 -4.27
N SER A 194 15.37 -26.21 -5.37
CA SER A 194 15.66 -24.77 -5.27
C SER A 194 14.43 -24.00 -4.76
N ASP A 195 13.23 -24.50 -5.06
CA ASP A 195 12.03 -23.95 -4.44
C ASP A 195 12.16 -24.11 -2.94
N VAL A 196 12.75 -25.22 -2.53
CA VAL A 196 12.82 -25.58 -1.12
C VAL A 196 13.77 -24.61 -0.41
N TYR A 197 14.84 -24.29 -1.10
CA TYR A 197 15.80 -23.35 -0.56
C TYR A 197 15.12 -21.99 -0.40
N ALA A 198 14.28 -21.63 -1.35
CA ALA A 198 13.56 -20.35 -1.27
C ALA A 198 12.68 -20.32 -0.03
N PHE A 199 11.96 -21.41 0.20
CA PHE A 199 11.09 -21.51 1.35
C PHE A 199 11.93 -21.33 2.61
N GLY A 200 13.12 -21.92 2.62
CA GLY A 200 14.04 -21.74 3.74
C GLY A 200 14.39 -20.28 3.99
N ILE A 201 14.58 -19.51 2.93
CA ILE A 201 14.78 -18.08 3.11
C ILE A 201 13.57 -17.37 3.69
N VAL A 202 12.37 -17.88 3.42
CA VAL A 202 11.16 -17.25 3.94
C VAL A 202 11.08 -17.53 5.43
N LEU A 203 11.48 -18.74 5.81
CA LEU A 203 11.52 -19.14 7.21
C LEU A 203 12.54 -18.29 7.97
N TYR A 204 13.63 -17.95 7.28
CA TYR A 204 14.65 -17.12 7.89
C TYR A 204 14.09 -15.75 8.16
N GLU A 205 13.34 -15.25 7.18
CA GLU A 205 12.69 -13.96 7.25
C GLU A 205 11.67 -13.97 8.36
N LEU A 206 10.89 -15.04 8.43
CA LEU A 206 9.86 -15.17 9.45
C LEU A 206 10.45 -15.26 10.86
N MET A 207 11.51 -16.04 11.02
CA MET A 207 12.08 -16.25 12.35
C MET A 207 13.10 -15.17 12.79
N THR A 208 13.57 -14.35 11.85
CA THR A 208 14.52 -13.29 12.18
C THR A 208 13.95 -11.90 11.96
N GLY A 209 12.79 -11.83 11.34
CA GLY A 209 12.16 -10.55 11.03
C GLY A 209 12.92 -9.72 10.02
N GLN A 210 13.98 -10.28 9.46
CA GLN A 210 14.82 -9.54 8.53
C GLN A 210 15.15 -10.36 7.28
N LEU A 211 15.74 -9.69 6.30
CA LEU A 211 16.30 -10.37 5.15
C LEU A 211 17.75 -10.81 5.43
N PRO A 212 18.25 -11.81 4.68
CA PRO A 212 19.64 -12.24 4.90
C PRO A 212 20.62 -11.36 4.13
N TYR A 213 21.87 -11.31 4.56
CA TYR A 213 22.89 -10.46 3.93
C TYR A 213 22.54 -8.98 3.99
N SER A 214 21.79 -8.58 5.01
CA SER A 214 21.38 -7.19 5.18
C SER A 214 22.58 -6.23 5.25
N ASN A 215 23.66 -6.65 5.90
CA ASN A 215 24.86 -5.83 6.03
C ASN A 215 25.64 -5.66 4.72
N ILE A 216 25.26 -6.41 3.69
CA ILE A 216 26.03 -6.43 2.46
C ILE A 216 25.38 -5.58 1.38
N ASN A 217 25.88 -4.35 1.23
CA ASN A 217 25.28 -3.39 0.31
C ASN A 217 25.64 -3.64 -1.14
N ASN A 218 26.39 -4.70 -1.41
CA ASN A 218 26.84 -5.00 -2.78
C ASN A 218 26.36 -6.34 -3.34
N ARG A 219 25.63 -6.28 -4.46
CA ARG A 219 25.08 -7.48 -5.08
C ARG A 219 26.15 -8.51 -5.46
N ASP A 220 26.92 -8.20 -6.50
CA ASP A 220 27.87 -9.17 -7.07
C ASP A 220 28.74 -9.86 -6.03
N GLN A 221 28.81 -9.28 -4.83
CA GLN A 221 29.44 -9.94 -3.69
C GLN A 221 28.61 -11.15 -3.23
N ILE A 222 27.33 -10.93 -2.98
CA ILE A 222 26.43 -12.00 -2.56
C ILE A 222 26.45 -13.14 -3.56
N ILE A 223 26.29 -12.78 -4.84
CA ILE A 223 26.29 -13.78 -5.90
C ILE A 223 27.54 -14.66 -5.86
N GLU A 224 28.69 -14.03 -6.04
CA GLU A 224 29.96 -14.76 -6.06
C GLU A 224 30.12 -15.71 -4.88
N MET A 225 29.89 -15.21 -3.66
CA MET A 225 30.16 -16.00 -2.45
C MET A 225 29.09 -17.04 -2.10
N VAL A 226 27.83 -16.64 -2.18
CA VAL A 226 26.74 -17.56 -1.96
C VAL A 226 26.80 -18.63 -3.04
N GLY A 227 26.94 -18.20 -4.29
CA GLY A 227 27.12 -19.10 -5.40
C GLY A 227 28.21 -20.16 -5.21
N ARG A 228 29.26 -19.81 -4.48
CA ARG A 228 30.38 -20.74 -4.30
C ARG A 228 30.30 -21.56 -3.01
N GLY A 229 29.34 -21.24 -2.15
CA GLY A 229 29.10 -22.03 -0.95
C GLY A 229 29.84 -21.59 0.31
N SER A 230 30.54 -20.47 0.21
CA SER A 230 31.33 -19.98 1.32
C SER A 230 30.54 -18.97 2.18
N LEU A 231 29.41 -18.52 1.66
CA LEU A 231 28.57 -17.55 2.35
C LEU A 231 27.14 -18.05 2.38
N SER A 232 26.48 -17.97 3.54
CA SER A 232 25.10 -18.44 3.66
C SER A 232 24.38 -17.69 4.76
N PRO A 233 23.04 -17.80 4.81
CA PRO A 233 22.32 -16.93 5.74
C PRO A 233 22.72 -17.22 7.18
N ASP A 234 22.81 -16.16 7.97
CA ASP A 234 23.35 -16.29 9.33
C ASP A 234 22.28 -16.76 10.28
N LEU A 235 22.34 -18.05 10.62
CA LEU A 235 21.33 -18.66 11.49
C LEU A 235 21.41 -18.19 12.96
N SER A 236 22.54 -17.63 13.38
CA SER A 236 22.64 -17.14 14.76
C SER A 236 21.67 -15.99 15.02
N LYS A 237 21.17 -15.38 13.95
CA LYS A 237 20.24 -14.26 14.08
C LYS A 237 18.80 -14.65 14.35
N VAL A 238 18.50 -15.95 14.42
CA VAL A 238 17.11 -16.36 14.57
C VAL A 238 16.67 -16.22 16.02
N ARG A 239 15.39 -15.89 16.21
CA ARG A 239 14.82 -15.65 17.54
C ARG A 239 15.15 -16.72 18.60
N SER A 240 15.12 -16.28 19.86
CA SER A 240 15.29 -17.14 21.01
C SER A 240 14.09 -18.08 21.12
N ASN A 241 12.91 -17.54 20.85
CA ASN A 241 11.66 -18.27 21.01
C ASN A 241 11.35 -19.18 19.84
N CYS A 242 12.21 -19.16 18.81
CA CYS A 242 12.00 -20.04 17.67
C CYS A 242 12.30 -21.47 18.08
N PRO A 243 11.33 -22.37 17.88
CA PRO A 243 11.47 -23.76 18.31
C PRO A 243 12.54 -24.51 17.51
N LYS A 244 13.33 -25.30 18.23
CA LYS A 244 14.48 -26.04 17.69
C LYS A 244 14.25 -26.78 16.36
N ARG A 245 13.11 -27.45 16.22
CA ARG A 245 12.82 -28.19 15.00
C ARG A 245 12.56 -27.25 13.81
N MET A 246 11.99 -26.08 14.09
CA MET A 246 11.78 -25.07 13.06
C MET A 246 13.12 -24.54 12.54
N LYS A 247 14.00 -24.21 13.47
CA LYS A 247 15.37 -23.81 13.12
C LYS A 247 16.12 -24.92 12.37
N ARG A 248 16.00 -26.16 12.84
CA ARG A 248 16.59 -27.31 12.14
C ARG A 248 16.04 -27.48 10.71
N LEU A 249 14.72 -27.54 10.58
CA LEU A 249 14.08 -27.59 9.26
C LEU A 249 14.56 -26.45 8.37
N MET A 250 14.60 -25.24 8.93
CA MET A 250 15.08 -24.09 8.20
C MET A 250 16.48 -24.37 7.67
N ALA A 251 17.30 -25.02 8.49
CA ALA A 251 18.66 -25.33 8.08
C ALA A 251 18.71 -26.45 7.05
N GLU A 252 17.88 -27.48 7.21
CA GLU A 252 17.77 -28.54 6.21
C GLU A 252 17.38 -27.94 4.86
N CYS A 253 16.42 -27.03 4.87
CA CYS A 253 15.97 -26.37 3.65
C CYS A 253 17.05 -25.57 2.95
N LEU A 254 17.94 -24.97 3.76
CA LEU A 254 19.01 -24.12 3.24
C LEU A 254 20.30 -24.86 2.87
N LYS A 255 20.29 -26.19 2.85
CA LYS A 255 21.51 -26.93 2.55
C LYS A 255 22.09 -26.53 1.18
N LYS A 256 23.39 -26.32 1.12
CA LYS A 256 23.97 -25.83 -0.12
C LYS A 256 23.82 -26.84 -1.26
N LYS A 257 23.96 -28.12 -0.94
CA LYS A 257 23.77 -29.19 -1.90
C LYS A 257 22.28 -29.53 -2.03
N ARG A 258 21.72 -29.21 -3.18
CA ARG A 258 20.28 -29.35 -3.41
C ARG A 258 19.72 -30.72 -3.07
N ASP A 259 20.52 -31.77 -3.27
CA ASP A 259 20.10 -33.15 -2.97
C ASP A 259 19.88 -33.46 -1.50
N GLU A 260 20.34 -32.58 -0.61
CA GLU A 260 20.21 -32.83 0.82
C GLU A 260 19.03 -32.09 1.44
N ARG A 261 18.34 -31.31 0.62
CA ARG A 261 17.13 -30.62 1.06
C ARG A 261 15.97 -31.59 1.09
N PRO A 262 15.12 -31.49 2.11
CA PRO A 262 13.90 -32.30 2.16
C PRO A 262 12.90 -31.90 1.07
N SER A 263 11.93 -32.76 0.79
CA SER A 263 10.84 -32.42 -0.12
C SER A 263 9.75 -31.74 0.70
N PHE A 264 8.82 -31.05 0.03
CA PHE A 264 7.75 -30.37 0.75
C PHE A 264 6.79 -31.30 1.51
N PRO A 265 6.64 -32.55 1.01
CA PRO A 265 5.82 -33.48 1.79
C PRO A 265 6.45 -33.68 3.15
N ARG A 266 7.78 -33.73 3.19
CA ARG A 266 8.49 -33.92 4.44
C ARG A 266 8.52 -32.63 5.25
N ILE A 267 8.65 -31.51 4.55
CA ILE A 267 8.73 -30.23 5.20
C ILE A 267 7.41 -29.96 5.91
N LEU A 268 6.33 -30.25 5.21
CA LEU A 268 5.01 -29.95 5.71
C LEU A 268 4.68 -30.83 6.93
N ALA A 269 4.94 -32.13 6.81
CA ALA A 269 4.74 -33.07 7.95
C ALA A 269 5.58 -32.65 9.16
N GLU A 270 6.85 -32.35 8.95
CA GLU A 270 7.69 -31.85 10.04
C GLU A 270 7.04 -30.63 10.73
N ILE A 271 6.54 -29.68 9.94
CA ILE A 271 5.91 -28.48 10.52
C ILE A 271 4.60 -28.80 11.25
N GLU A 272 3.71 -29.52 10.58
CA GLU A 272 2.46 -29.98 11.20
C GLU A 272 2.76 -30.59 12.57
N GLU A 273 3.88 -31.30 12.65
CA GLU A 273 4.24 -32.06 13.83
C GLU A 273 4.83 -31.21 14.92
N LEU A 274 5.76 -30.33 14.57
CA LEU A 274 6.35 -29.44 15.55
C LEU A 274 5.35 -28.39 16.04
N ALA A 275 4.35 -28.08 15.22
CA ALA A 275 3.36 -27.11 15.66
C ALA A 275 2.46 -27.66 16.78
N ARG A 276 2.19 -28.96 16.75
CA ARG A 276 1.23 -29.58 17.67
C ARG A 276 1.74 -29.72 19.11
N PHE B 4 -18.35 13.07 24.64
CA PHE B 4 -17.20 12.38 25.20
C PHE B 4 -17.49 10.89 25.33
N ASP B 5 -17.69 10.44 26.57
CA ASP B 5 -18.15 9.09 26.93
C ASP B 5 -18.85 8.29 25.81
N ASP B 6 -19.92 8.84 25.22
CA ASP B 6 -20.63 8.17 24.12
C ASP B 6 -19.85 7.97 22.83
N TRP B 7 -18.71 8.64 22.73
CA TRP B 7 -17.87 8.51 21.55
C TRP B 7 -16.61 7.70 21.86
N GLU B 8 -16.50 7.23 23.09
CA GLU B 8 -15.31 6.49 23.48
C GLU B 8 -15.36 5.06 22.94
N ILE B 9 -14.29 4.68 22.26
CA ILE B 9 -14.15 3.33 21.78
C ILE B 9 -13.11 2.62 22.65
N PRO B 10 -13.57 1.88 23.68
CA PRO B 10 -12.67 1.14 24.57
C PRO B 10 -11.80 0.22 23.75
N ASP B 11 -10.61 -0.11 24.26
CA ASP B 11 -9.66 -0.80 23.40
C ASP B 11 -10.04 -2.27 23.17
N GLY B 12 -11.02 -2.73 23.94
CA GLY B 12 -11.53 -4.09 23.76
C GLY B 12 -12.47 -4.21 22.58
N GLN B 13 -12.91 -3.07 22.05
CA GLN B 13 -13.92 -3.05 20.98
C GLN B 13 -13.32 -2.89 19.58
N ILE B 14 -12.00 -2.73 19.53
CA ILE B 14 -11.36 -2.36 18.29
C ILE B 14 -10.09 -3.16 18.04
N THR B 15 -9.99 -3.77 16.85
CA THR B 15 -8.80 -4.54 16.48
C THR B 15 -7.87 -3.67 15.62
N VAL B 16 -6.72 -3.28 16.18
CA VAL B 16 -5.76 -2.51 15.41
C VAL B 16 -4.97 -3.40 14.45
N GLY B 17 -5.01 -3.08 13.15
CA GLY B 17 -4.40 -3.90 12.12
C GLY B 17 -3.11 -3.34 11.55
N GLN B 18 -2.93 -3.45 10.24
CA GLN B 18 -1.68 -3.05 9.61
C GLN B 18 -1.36 -1.57 9.76
N ARG B 19 -0.10 -1.27 10.04
CA ARG B 19 0.37 0.10 10.09
C ARG B 19 0.43 0.69 8.68
N ILE B 20 -0.28 1.80 8.49
CA ILE B 20 -0.42 2.40 7.17
C ILE B 20 0.65 3.45 6.94
N GLY B 21 0.90 4.26 7.95
CA GLY B 21 1.89 5.31 7.82
C GLY B 21 1.73 6.43 8.82
N SER B 22 2.45 7.51 8.57
CA SER B 22 2.44 8.64 9.47
C SER B 22 1.63 9.84 8.97
N GLY B 23 1.02 10.55 9.90
CA GLY B 23 0.41 11.84 9.64
C GLY B 23 0.66 12.70 10.85
N SER B 24 -0.36 13.47 11.25
CA SER B 24 -0.28 14.31 12.44
C SER B 24 -0.09 13.49 13.72
N THR B 27 0.21 8.52 13.94
CA THR B 27 0.60 7.27 13.27
C THR B 27 -0.63 6.40 12.96
N VAL B 28 -0.82 6.12 11.68
CA VAL B 28 -2.09 5.56 11.18
C VAL B 28 -2.12 4.07 10.88
N TYR B 29 -3.09 3.38 11.46
CA TYR B 29 -3.29 1.97 11.20
C TYR B 29 -4.64 1.71 10.57
N LYS B 30 -4.72 0.68 9.72
CA LYS B 30 -6.01 0.12 9.37
C LYS B 30 -6.52 -0.66 10.58
N GLY B 31 -7.83 -0.75 10.73
CA GLY B 31 -8.37 -1.50 11.85
C GLY B 31 -9.77 -2.06 11.64
N LYS B 32 -10.28 -2.70 12.68
CA LYS B 32 -11.63 -3.25 12.69
C LYS B 32 -12.41 -2.70 13.88
N TRP B 33 -13.65 -2.29 13.63
CA TRP B 33 -14.61 -1.81 14.64
C TRP B 33 -15.98 -1.69 13.97
N HIS B 34 -16.77 -2.77 14.00
CA HIS B 34 -18.06 -2.78 13.33
C HIS B 34 -17.82 -2.53 11.85
N GLY B 35 -16.80 -3.19 11.32
CA GLY B 35 -16.35 -2.94 9.96
C GLY B 35 -15.00 -2.26 9.93
N ASP B 36 -14.43 -2.12 8.74
CA ASP B 36 -13.15 -1.44 8.51
C ASP B 36 -13.12 -0.03 9.09
N VAL B 37 -11.97 0.38 9.63
CA VAL B 37 -11.77 1.76 10.05
C VAL B 37 -10.32 2.18 9.86
N ALA B 38 -10.04 3.44 10.15
CA ALA B 38 -8.67 3.89 10.26
C ALA B 38 -8.49 4.34 11.70
N VAL B 39 -7.35 4.04 12.27
CA VAL B 39 -7.08 4.47 13.63
C VAL B 39 -5.79 5.28 13.67
N LYS B 40 -5.88 6.53 14.09
CA LYS B 40 -4.67 7.31 14.25
C LYS B 40 -4.28 7.23 15.71
N MET B 41 -3.07 6.74 15.96
CA MET B 41 -2.52 6.70 17.31
C MET B 41 -1.71 7.96 17.52
N LEU B 42 -2.17 8.80 18.43
CA LEU B 42 -1.46 10.03 18.78
C LEU B 42 -0.34 9.64 19.71
N ASN B 43 0.69 10.47 19.76
CA ASN B 43 1.87 10.20 20.56
C ASN B 43 1.71 10.53 22.06
N VAL B 44 0.76 9.86 22.70
CA VAL B 44 0.46 10.13 24.09
C VAL B 44 -0.07 8.86 24.75
N THR B 45 0.53 8.50 25.88
CA THR B 45 0.01 7.42 26.71
C THR B 45 0.03 7.87 28.16
N ALA B 46 -0.94 7.41 28.95
CA ALA B 46 -1.06 7.90 30.33
C ALA B 46 -1.11 9.43 30.31
N PRO B 47 -2.08 9.99 29.58
CA PRO B 47 -2.15 11.46 29.50
C PRO B 47 -2.27 12.10 30.88
N THR B 48 -1.67 13.27 31.03
CA THR B 48 -1.97 14.10 32.18
C THR B 48 -3.40 14.58 32.05
N PRO B 49 -4.00 15.03 33.15
CA PRO B 49 -5.38 15.56 33.12
C PRO B 49 -5.53 16.68 32.10
N GLN B 50 -4.48 17.49 31.97
CA GLN B 50 -4.49 18.63 31.07
C GLN B 50 -4.50 18.19 29.60
N GLN B 51 -3.75 17.13 29.29
CA GLN B 51 -3.70 16.63 27.93
C GLN B 51 -5.03 15.99 27.63
N LEU B 52 -5.53 15.20 28.58
CA LEU B 52 -6.80 14.53 28.42
C LEU B 52 -7.88 15.56 28.14
N GLN B 53 -7.81 16.69 28.84
CA GLN B 53 -8.82 17.75 28.73
C GLN B 53 -8.82 18.38 27.33
N ALA B 54 -7.63 18.77 26.88
CA ALA B 54 -7.45 19.35 25.57
C ALA B 54 -7.94 18.33 24.55
N PHE B 55 -7.60 17.06 24.80
CA PHE B 55 -8.00 16.03 23.86
C PHE B 55 -9.53 15.93 23.81
N LYS B 56 -10.17 15.98 24.97
CA LYS B 56 -11.63 15.90 25.05
C LYS B 56 -12.27 17.08 24.34
N ASN B 57 -11.66 18.25 24.49
CA ASN B 57 -12.11 19.44 23.76
C ASN B 57 -12.15 19.23 22.24
N GLU B 58 -11.08 18.66 21.68
CA GLU B 58 -10.96 18.49 20.23
C GLU B 58 -11.98 17.47 19.76
N VAL B 59 -12.07 16.37 20.50
CA VAL B 59 -13.07 15.35 20.24
C VAL B 59 -14.45 15.98 20.28
N GLY B 60 -14.63 16.97 21.16
CA GLY B 60 -15.81 17.82 21.21
C GLY B 60 -16.14 18.50 19.88
N VAL B 61 -15.14 19.09 19.23
CA VAL B 61 -15.34 19.63 17.88
C VAL B 61 -15.68 18.53 16.84
N LEU B 62 -14.81 17.53 16.71
CA LEU B 62 -14.98 16.45 15.72
C LEU B 62 -16.32 15.74 15.80
N ARG B 63 -16.81 15.54 17.02
CA ARG B 63 -18.16 15.05 17.33
C ARG B 63 -19.22 15.68 16.43
N LYS B 64 -19.06 16.96 16.14
CA LYS B 64 -20.12 17.77 15.53
C LYS B 64 -19.83 18.09 14.07
N THR B 65 -18.86 17.38 13.49
CA THR B 65 -18.48 17.58 12.10
C THR B 65 -19.03 16.46 11.23
N ARG B 66 -19.62 16.83 10.11
CA ARG B 66 -20.25 15.83 9.26
C ARG B 66 -20.43 16.40 7.86
N HIS B 67 -19.71 15.81 6.92
CA HIS B 67 -19.72 16.23 5.56
C HIS B 67 -19.11 15.13 4.72
N VAL B 68 -19.72 14.88 3.58
CA VAL B 68 -19.28 13.84 2.67
C VAL B 68 -17.80 13.98 2.28
N ASN B 69 -17.26 15.20 2.34
CA ASN B 69 -15.88 15.44 1.89
C ASN B 69 -14.88 15.63 3.04
N ILE B 70 -15.31 15.25 4.23
CA ILE B 70 -14.36 15.08 5.29
C ILE B 70 -14.54 13.72 5.91
N LEU B 71 -13.42 13.21 6.42
CA LEU B 71 -13.34 11.94 7.10
C LEU B 71 -14.39 11.90 8.22
N LEU B 72 -15.21 10.84 8.21
CA LEU B 72 -16.26 10.69 9.22
C LEU B 72 -15.66 10.25 10.55
N PHE B 73 -15.93 11.04 11.60
CA PHE B 73 -15.41 10.75 12.92
C PHE B 73 -16.27 9.69 13.61
N MET B 74 -15.63 8.61 14.04
CA MET B 74 -16.36 7.50 14.66
C MET B 74 -16.15 7.34 16.16
N GLY B 75 -15.09 7.93 16.70
CA GLY B 75 -14.82 7.77 18.11
C GLY B 75 -13.37 7.93 18.48
N TYR B 76 -13.10 7.92 19.77
CA TYR B 76 -11.74 8.08 20.27
C TYR B 76 -11.43 7.01 21.29
N SER B 77 -10.15 6.86 21.60
CA SER B 77 -9.67 5.97 22.65
C SER B 77 -8.73 6.76 23.55
N THR B 78 -8.56 6.31 24.79
CA THR B 78 -7.57 6.90 25.71
C THR B 78 -6.54 5.90 26.21
N LYS B 79 -6.94 4.63 26.30
CA LYS B 79 -6.02 3.58 26.73
C LYS B 79 -5.88 2.58 25.60
N PRO B 80 -4.65 2.08 25.36
CA PRO B 80 -3.43 2.40 26.11
C PRO B 80 -2.80 3.69 25.61
N GLN B 81 -3.42 4.29 24.61
CA GLN B 81 -2.83 5.43 23.94
C GLN B 81 -3.99 6.29 23.46
N LEU B 82 -3.81 7.60 23.40
CA LEU B 82 -4.79 8.45 22.75
C LEU B 82 -4.92 8.03 21.29
N ALA B 83 -6.14 8.02 20.77
CA ALA B 83 -6.35 7.64 19.39
C ALA B 83 -7.63 8.25 18.86
N ILE B 84 -7.71 8.32 17.54
CA ILE B 84 -8.90 8.81 16.87
C ILE B 84 -9.28 7.84 15.79
N VAL B 85 -10.54 7.46 15.75
CA VAL B 85 -10.98 6.47 14.77
C VAL B 85 -11.88 7.15 13.74
N THR B 86 -11.65 6.85 12.46
CA THR B 86 -12.47 7.39 11.38
C THR B 86 -12.78 6.28 10.39
N GLN B 87 -13.65 6.57 9.43
CA GLN B 87 -13.97 5.61 8.37
C GLN B 87 -12.75 5.32 7.50
N TRP B 88 -12.75 4.14 6.89
CA TRP B 88 -11.63 3.70 6.08
C TRP B 88 -11.80 4.15 4.63
N CYS B 89 -10.69 4.58 4.03
CA CYS B 89 -10.73 5.03 2.64
C CYS B 89 -9.91 4.12 1.77
N GLU B 90 -10.60 3.24 1.05
CA GLU B 90 -9.94 2.15 0.33
C GLU B 90 -9.12 2.60 -0.87
N GLY B 91 -9.26 3.86 -1.26
CA GLY B 91 -8.50 4.39 -2.39
C GLY B 91 -7.19 5.09 -2.07
N SER B 92 -6.65 4.86 -0.87
CA SER B 92 -5.36 5.44 -0.49
C SER B 92 -5.44 6.97 -0.48
N SER B 93 -4.28 7.63 -0.51
CA SER B 93 -4.27 9.09 -0.51
C SER B 93 -4.02 9.70 -1.90
N LEU B 94 -4.53 10.92 -2.09
CA LEU B 94 -4.22 11.66 -3.31
C LEU B 94 -2.70 11.73 -3.56
N TYR B 95 -1.92 11.90 -2.49
CA TYR B 95 -0.47 11.96 -2.65
C TYR B 95 0.06 10.69 -3.31
N HIS B 96 -0.36 9.55 -2.78
CA HIS B 96 0.00 8.25 -3.32
C HIS B 96 -0.42 8.09 -4.77
N HIS B 97 -1.63 8.52 -5.10
CA HIS B 97 -2.12 8.38 -6.47
C HIS B 97 -1.30 9.19 -7.45
N LEU B 98 -1.06 10.46 -7.12
CA LEU B 98 -0.30 11.36 -8.00
C LEU B 98 1.22 11.11 -8.06
N HIS B 99 1.86 10.86 -6.94
CA HIS B 99 3.33 10.87 -6.90
C HIS B 99 3.99 9.51 -6.71
N ALA B 100 3.19 8.46 -6.59
CA ALA B 100 3.72 7.12 -6.34
C ALA B 100 3.23 6.13 -7.40
N SER B 101 2.00 5.66 -7.26
CA SER B 101 1.43 4.76 -8.27
C SER B 101 1.29 5.47 -9.61
N GLU B 102 1.45 6.79 -9.60
CA GLU B 102 1.48 7.57 -10.82
C GLU B 102 0.21 7.46 -11.67
N THR B 103 -0.93 7.24 -11.02
CA THR B 103 -2.22 7.29 -11.67
C THR B 103 -2.34 8.57 -12.50
N LYS B 104 -2.89 8.45 -13.70
CA LYS B 104 -3.12 9.60 -14.55
C LYS B 104 -4.62 9.77 -14.71
N PHE B 105 -5.19 10.74 -14.02
CA PHE B 105 -6.62 10.98 -14.13
C PHE B 105 -6.86 11.83 -15.36
N GLU B 106 -8.00 11.65 -16.02
CA GLU B 106 -8.47 12.57 -17.05
C GLU B 106 -8.83 13.91 -16.40
N MET B 107 -8.75 15.00 -17.16
CA MET B 107 -8.92 16.33 -16.58
C MET B 107 -10.26 16.53 -15.86
N LYS B 108 -11.27 15.76 -16.29
CA LYS B 108 -12.58 15.80 -15.65
C LYS B 108 -12.44 15.38 -14.20
N LYS B 109 -11.60 14.38 -13.99
CA LYS B 109 -11.44 13.79 -12.68
C LYS B 109 -10.60 14.74 -11.81
N LEU B 110 -9.58 15.36 -12.42
CA LEU B 110 -8.76 16.33 -11.70
C LEU B 110 -9.64 17.45 -11.18
N ILE B 111 -10.49 17.97 -12.07
CA ILE B 111 -11.37 19.07 -11.69
C ILE B 111 -12.33 18.65 -10.58
N ASP B 112 -12.86 17.44 -10.71
CA ASP B 112 -13.72 16.84 -9.70
C ASP B 112 -13.08 16.75 -8.30
N ILE B 113 -11.87 16.19 -8.24
CA ILE B 113 -11.13 16.11 -6.98
C ILE B 113 -10.94 17.48 -6.33
N ALA B 114 -10.49 18.46 -7.13
CA ALA B 114 -10.32 19.84 -6.64
C ALA B 114 -11.61 20.39 -6.05
N ARG B 115 -12.73 20.02 -6.66
CA ARG B 115 -14.05 20.53 -6.32
C ARG B 115 -14.49 19.96 -4.99
N GLN B 116 -14.31 18.65 -4.84
CA GLN B 116 -14.69 17.95 -3.62
C GLN B 116 -13.81 18.43 -2.48
N THR B 117 -12.52 18.57 -2.72
CA THR B 117 -11.63 19.14 -1.71
C THR B 117 -12.15 20.50 -1.26
N ALA B 118 -12.51 21.36 -2.21
CA ALA B 118 -12.99 22.71 -1.89
C ALA B 118 -14.30 22.69 -1.09
N ARG B 119 -15.20 21.79 -1.46
CA ARG B 119 -16.41 21.55 -0.67
C ARG B 119 -16.13 21.21 0.82
N GLY B 120 -15.14 20.35 1.07
CA GLY B 120 -14.78 19.97 2.42
C GLY B 120 -14.12 21.10 3.19
N MET B 121 -13.25 21.82 2.50
CA MET B 121 -12.55 22.94 3.08
C MET B 121 -13.50 24.06 3.43
N ASP B 122 -14.46 24.31 2.54
CA ASP B 122 -15.46 25.35 2.74
C ASP B 122 -16.27 24.99 3.98
N TYR B 123 -16.70 23.74 4.04
CA TYR B 123 -17.39 23.22 5.21
C TYR B 123 -16.60 23.43 6.49
N LEU B 124 -15.35 22.96 6.53
CA LEU B 124 -14.49 23.17 7.71
C LEU B 124 -14.51 24.65 8.13
N HIS B 125 -14.27 25.54 7.18
CA HIS B 125 -14.18 26.97 7.48
C HIS B 125 -15.48 27.57 7.98
N ALA B 126 -16.58 27.20 7.34
CA ALA B 126 -17.89 27.56 7.82
C ALA B 126 -18.08 27.06 9.26
N LYS B 127 -17.29 26.07 9.66
CA LYS B 127 -17.38 25.54 11.01
C LYS B 127 -16.29 26.09 11.90
N SER B 128 -15.59 27.11 11.43
CA SER B 128 -14.54 27.75 12.23
C SER B 128 -13.38 26.81 12.52
N ILE B 129 -13.16 25.86 11.63
CA ILE B 129 -12.04 24.94 11.76
C ILE B 129 -10.98 25.28 10.72
N ILE B 130 -9.81 25.68 11.20
CA ILE B 130 -8.64 25.85 10.36
C ILE B 130 -7.92 24.53 10.26
N HIS B 131 -7.52 24.17 9.04
CA HIS B 131 -6.86 22.88 8.87
C HIS B 131 -5.37 22.95 9.27
N ARG B 132 -4.68 23.96 8.75
CA ARG B 132 -3.27 24.20 9.06
C ARG B 132 -2.32 23.21 8.39
N ASP B 133 -2.83 22.08 7.91
CA ASP B 133 -1.97 20.99 7.44
C ASP B 133 -2.39 20.40 6.08
N LEU B 134 -3.27 21.09 5.36
CA LEU B 134 -3.88 20.54 4.15
C LEU B 134 -2.85 20.22 3.09
N LYS B 135 -2.85 18.97 2.62
CA LYS B 135 -1.95 18.57 1.57
C LYS B 135 -2.41 17.27 0.93
N SER B 136 -1.82 16.91 -0.21
CA SER B 136 -2.29 15.77 -0.97
C SER B 136 -2.24 14.47 -0.15
N ASN B 137 -1.36 14.44 0.86
CA ASN B 137 -1.27 13.31 1.79
C ASN B 137 -2.48 13.16 2.72
N ASN B 138 -3.19 14.25 2.96
CA ASN B 138 -4.37 14.29 3.83
C ASN B 138 -5.63 14.25 3.02
N ILE B 139 -5.52 13.91 1.75
CA ILE B 139 -6.72 13.89 0.94
C ILE B 139 -6.92 12.48 0.45
N PHE B 140 -7.90 11.80 1.04
CA PHE B 140 -8.06 10.39 0.80
C PHE B 140 -9.18 10.10 -0.19
N LEU B 141 -8.98 9.07 -1.00
CA LEU B 141 -10.00 8.61 -1.94
C LEU B 141 -10.72 7.38 -1.39
N HIS B 142 -12.03 7.50 -1.22
CA HIS B 142 -12.86 6.44 -0.66
C HIS B 142 -13.38 5.55 -1.79
N GLU B 143 -13.84 4.35 -1.44
CA GLU B 143 -14.34 3.42 -2.46
C GLU B 143 -15.46 3.99 -3.31
N ASP B 144 -16.38 4.73 -2.70
CA ASP B 144 -17.53 5.26 -3.44
C ASP B 144 -17.15 6.41 -4.37
N ASN B 145 -15.85 6.65 -4.49
CA ASN B 145 -15.30 7.71 -5.33
C ASN B 145 -15.42 9.15 -4.81
N THR B 146 -15.87 9.30 -3.57
CA THR B 146 -15.79 10.60 -2.93
C THR B 146 -14.39 10.82 -2.37
N VAL B 147 -14.12 12.06 -2.03
CA VAL B 147 -12.84 12.48 -1.53
C VAL B 147 -13.06 12.95 -0.10
N LYS B 148 -12.15 12.57 0.80
CA LYS B 148 -12.30 12.94 2.20
C LYS B 148 -11.05 13.62 2.69
N ILE B 149 -11.19 14.86 3.15
CA ILE B 149 -10.09 15.54 3.81
C ILE B 149 -9.95 15.00 5.21
N GLY B 150 -8.71 14.81 5.67
CA GLY B 150 -8.44 14.39 7.03
C GLY B 150 -7.34 15.26 7.63
N ASP B 151 -6.92 14.88 8.83
CA ASP B 151 -5.84 15.55 9.56
C ASP B 151 -6.21 16.97 10.01
N PHE B 152 -7.49 17.32 9.95
CA PHE B 152 -7.97 18.60 10.46
C PHE B 152 -8.33 18.57 11.93
N GLY B 153 -8.21 17.42 12.59
CA GLY B 153 -8.42 17.35 14.03
C GLY B 153 -7.39 18.16 14.82
N LEU B 154 -7.62 18.33 16.12
CA LEU B 154 -6.63 18.92 17.02
C LEU B 154 -6.21 20.35 16.67
N ALA B 155 -7.11 21.10 16.03
CA ALA B 155 -6.88 22.50 15.66
C ALA B 155 -6.25 23.34 16.80
N THR B 156 -7.01 23.54 17.87
CA THR B 156 -6.52 24.28 19.04
C THR B 156 -5.23 23.71 19.66
N GLU B 157 -4.67 22.67 19.04
CA GLU B 157 -3.41 22.05 19.49
C GLU B 157 -2.33 22.04 18.40
N ILE B 174 6.04 21.87 4.13
CA ILE B 174 6.83 23.01 3.68
C ILE B 174 6.43 23.44 2.27
N LEU B 175 6.24 22.46 1.40
CA LEU B 175 5.84 22.75 0.02
C LEU B 175 4.44 23.36 -0.05
N TRP B 176 3.62 23.11 0.97
CA TRP B 176 2.25 23.62 1.04
C TRP B 176 2.12 24.83 1.96
N MET B 177 3.23 25.32 2.50
CA MET B 177 3.19 26.39 3.50
C MET B 177 3.16 27.75 2.82
N ALA B 178 2.36 28.67 3.35
CA ALA B 178 2.32 30.02 2.81
C ALA B 178 3.51 30.81 3.30
N PRO B 179 3.92 31.82 2.52
CA PRO B 179 5.05 32.69 2.85
C PRO B 179 4.97 33.25 4.27
N GLU B 180 3.81 33.72 4.70
CA GLU B 180 3.68 34.31 6.04
C GLU B 180 3.82 33.23 7.11
N VAL B 181 3.36 32.03 6.79
CA VAL B 181 3.48 30.89 7.69
C VAL B 181 4.93 30.42 7.80
N ILE B 182 5.77 30.87 6.86
CA ILE B 182 7.19 30.50 6.88
C ILE B 182 8.05 31.61 7.55
N ARG B 183 7.66 32.86 7.35
CA ARG B 183 8.45 33.99 7.83
C ARG B 183 7.99 34.56 9.16
N MET B 184 7.26 33.76 9.94
CA MET B 184 6.66 34.13 11.23
C MET B 184 7.26 35.36 11.93
N ASN B 188 0.20 34.75 14.50
CA ASN B 188 -0.54 33.49 14.37
C ASN B 188 0.40 32.30 14.10
N PRO B 189 0.96 32.21 12.88
CA PRO B 189 0.74 33.03 11.67
C PRO B 189 -0.29 32.35 10.77
N TYR B 190 -0.82 31.21 11.22
CA TYR B 190 -1.84 30.51 10.48
C TYR B 190 -3.15 31.28 10.42
N SER B 191 -3.95 31.00 9.40
CA SER B 191 -5.20 31.70 9.21
C SER B 191 -6.01 30.90 8.19
N PHE B 192 -7.22 31.35 7.90
CA PHE B 192 -8.01 30.72 6.84
C PHE B 192 -7.29 30.89 5.50
N GLN B 193 -6.64 32.04 5.32
CA GLN B 193 -6.04 32.39 4.04
C GLN B 193 -4.86 31.47 3.76
N SER B 194 -4.10 31.13 4.80
CA SER B 194 -3.01 30.18 4.63
C SER B 194 -3.54 28.79 4.23
N ASP B 195 -4.71 28.40 4.76
CA ASP B 195 -5.34 27.16 4.29
C ASP B 195 -5.54 27.26 2.78
N VAL B 196 -5.98 28.42 2.34
CA VAL B 196 -6.34 28.65 0.95
C VAL B 196 -5.14 28.45 0.02
N TYR B 197 -3.98 28.88 0.51
CA TYR B 197 -2.72 28.76 -0.21
C TYR B 197 -2.30 27.28 -0.32
N ALA B 198 -2.55 26.53 0.73
CA ALA B 198 -2.28 25.10 0.71
C ALA B 198 -3.11 24.49 -0.40
N PHE B 199 -4.35 24.92 -0.47
CA PHE B 199 -5.24 24.38 -1.48
C PHE B 199 -4.72 24.78 -2.88
N GLY B 200 -4.19 25.99 -3.01
CA GLY B 200 -3.54 26.38 -4.25
C GLY B 200 -2.44 25.39 -4.63
N ILE B 201 -1.59 25.06 -3.65
CA ILE B 201 -0.55 24.07 -3.87
C ILE B 201 -1.11 22.71 -4.31
N VAL B 202 -2.18 22.24 -3.68
CA VAL B 202 -2.86 21.02 -4.15
C VAL B 202 -3.33 21.12 -5.61
N LEU B 203 -3.85 22.29 -5.99
CA LEU B 203 -4.27 22.52 -7.37
C LEU B 203 -3.07 22.43 -8.31
N TYR B 204 -1.95 22.95 -7.84
CA TYR B 204 -0.71 22.87 -8.59
C TYR B 204 -0.35 21.41 -8.81
N GLU B 205 -0.47 20.60 -7.75
CA GLU B 205 -0.17 19.17 -7.82
C GLU B 205 -1.07 18.51 -8.83
N LEU B 206 -2.35 18.80 -8.74
CA LEU B 206 -3.33 18.19 -9.63
C LEU B 206 -3.11 18.55 -11.10
N MET B 207 -2.62 19.76 -11.35
CA MET B 207 -2.56 20.23 -12.74
C MET B 207 -1.16 20.13 -13.34
N THR B 208 -0.19 19.73 -12.53
CA THR B 208 1.15 19.49 -13.04
C THR B 208 1.57 18.06 -12.79
N GLY B 209 0.77 17.34 -12.01
CA GLY B 209 1.12 15.99 -11.62
C GLY B 209 2.35 15.96 -10.75
N GLN B 210 2.94 17.14 -10.53
CA GLN B 210 4.17 17.28 -9.76
C GLN B 210 3.99 18.11 -8.50
N LEU B 211 4.90 17.92 -7.55
CA LEU B 211 5.08 18.84 -6.44
C LEU B 211 5.85 20.09 -6.87
N PRO B 212 5.67 21.21 -6.17
CA PRO B 212 6.43 22.42 -6.54
C PRO B 212 7.88 22.35 -6.06
N TYR B 213 8.75 23.20 -6.61
CA TYR B 213 10.17 23.22 -6.24
C TYR B 213 10.85 21.84 -6.29
N SER B 214 10.34 20.94 -7.15
CA SER B 214 10.88 19.58 -7.26
C SER B 214 12.30 19.54 -7.84
N ILE B 222 15.31 28.17 -0.09
CA ILE B 222 14.11 27.37 -0.07
C ILE B 222 13.14 28.09 0.83
N ILE B 223 13.11 27.68 2.09
CA ILE B 223 12.42 28.44 3.13
C ILE B 223 12.79 29.92 3.07
N GLU B 224 14.07 30.19 2.90
CA GLU B 224 14.54 31.58 2.84
C GLU B 224 13.91 32.35 1.67
N MET B 225 13.71 31.65 0.53
CA MET B 225 13.26 32.31 -0.70
C MET B 225 11.75 32.39 -0.87
N VAL B 226 11.05 31.34 -0.44
CA VAL B 226 9.60 31.35 -0.51
C VAL B 226 9.05 32.33 0.51
N GLY B 227 9.60 32.29 1.73
CA GLY B 227 9.21 33.22 2.78
C GLY B 227 9.30 34.70 2.39
N ARG B 228 10.28 35.06 1.59
CA ARG B 228 10.48 36.47 1.25
C ARG B 228 9.80 36.86 -0.06
N GLY B 229 9.15 35.89 -0.72
CA GLY B 229 8.30 36.18 -1.87
C GLY B 229 9.00 36.39 -3.20
N SER B 230 10.27 36.01 -3.25
CA SER B 230 11.02 36.05 -4.51
C SER B 230 10.96 34.68 -5.20
N LEU B 231 10.45 33.69 -4.49
CA LEU B 231 10.28 32.36 -5.05
C LEU B 231 8.86 31.86 -4.77
N SER B 232 8.19 31.41 -5.83
CA SER B 232 6.84 30.90 -5.74
C SER B 232 6.70 29.81 -6.78
N PRO B 233 5.67 28.97 -6.67
CA PRO B 233 5.55 27.82 -7.58
C PRO B 233 5.52 28.23 -9.05
N ASP B 234 6.18 27.43 -9.89
CA ASP B 234 6.31 27.72 -11.32
C ASP B 234 5.06 27.30 -12.08
N LEU B 235 4.22 28.29 -12.37
CA LEU B 235 2.92 28.05 -12.97
C LEU B 235 3.00 27.74 -14.46
N SER B 236 4.14 28.05 -15.07
CA SER B 236 4.34 27.72 -16.48
C SER B 236 4.30 26.21 -16.67
N LYS B 237 4.55 25.46 -15.59
CA LYS B 237 4.57 24.01 -15.67
C LYS B 237 3.20 23.34 -15.81
N VAL B 238 2.11 24.08 -15.54
CA VAL B 238 0.79 23.44 -15.45
C VAL B 238 0.34 22.89 -16.80
N ARG B 239 -0.49 21.83 -16.75
CA ARG B 239 -1.00 21.18 -17.97
C ARG B 239 -1.57 22.18 -18.96
N SER B 240 -1.39 21.88 -20.25
CA SER B 240 -1.88 22.72 -21.35
C SER B 240 -3.40 22.71 -21.51
N ASN B 241 -4.04 21.61 -21.12
CA ASN B 241 -5.51 21.52 -21.19
C ASN B 241 -6.20 21.91 -19.90
N CYS B 242 -5.43 22.40 -18.92
CA CYS B 242 -6.02 22.93 -17.70
C CYS B 242 -6.82 24.15 -18.11
N PRO B 243 -8.12 24.14 -17.81
CA PRO B 243 -9.01 25.23 -18.20
C PRO B 243 -8.46 26.53 -17.67
N LYS B 244 -8.59 27.61 -18.45
CA LYS B 244 -8.04 28.91 -18.06
C LYS B 244 -8.54 29.43 -16.69
N ARG B 245 -9.80 29.15 -16.35
CA ARG B 245 -10.29 29.61 -15.06
C ARG B 245 -9.71 28.85 -13.88
N MET B 246 -9.23 27.63 -14.11
CA MET B 246 -8.63 26.84 -13.05
C MET B 246 -7.23 27.36 -12.75
N LYS B 247 -6.48 27.59 -13.82
CA LYS B 247 -5.14 28.15 -13.76
C LYS B 247 -5.18 29.49 -13.01
N ARG B 248 -6.10 30.36 -13.41
CA ARG B 248 -6.22 31.65 -12.75
C ARG B 248 -6.58 31.51 -11.25
N LEU B 249 -7.53 30.62 -10.93
CA LEU B 249 -7.91 30.41 -9.53
C LEU B 249 -6.73 29.88 -8.71
N MET B 250 -5.96 28.98 -9.29
CA MET B 250 -4.75 28.50 -8.65
C MET B 250 -3.84 29.68 -8.28
N ALA B 251 -3.69 30.61 -9.23
CA ALA B 251 -2.88 31.80 -9.06
C ALA B 251 -3.41 32.72 -7.96
N GLU B 252 -4.72 32.90 -7.92
CA GLU B 252 -5.36 33.64 -6.83
C GLU B 252 -5.10 32.98 -5.46
N CYS B 253 -5.27 31.66 -5.39
CA CYS B 253 -5.05 30.97 -4.12
C CYS B 253 -3.62 31.07 -3.66
N LEU B 254 -2.69 31.16 -4.61
CA LEU B 254 -1.25 31.21 -4.32
C LEU B 254 -0.64 32.61 -4.14
N LYS B 255 -1.47 33.65 -4.05
CA LYS B 255 -0.95 35.02 -3.89
C LYS B 255 -0.12 35.21 -2.63
N LYS B 256 0.96 35.98 -2.72
CA LYS B 256 1.91 36.03 -1.61
C LYS B 256 1.37 36.79 -0.39
N LYS B 257 0.63 37.86 -0.65
CA LYS B 257 -0.05 38.56 0.43
C LYS B 257 -1.43 37.92 0.61
N ARG B 258 -1.68 37.41 1.81
CA ARG B 258 -2.89 36.61 2.10
C ARG B 258 -4.25 37.31 1.92
N ASP B 259 -4.32 38.62 2.19
CA ASP B 259 -5.53 39.40 1.94
C ASP B 259 -6.00 39.32 0.49
N GLU B 260 -5.07 39.00 -0.40
CA GLU B 260 -5.38 38.93 -1.82
C GLU B 260 -5.92 37.55 -2.25
N ARG B 261 -5.88 36.59 -1.33
CA ARG B 261 -6.43 35.26 -1.58
C ARG B 261 -7.95 35.28 -1.42
N PRO B 262 -8.65 34.50 -2.26
CA PRO B 262 -10.12 34.38 -2.20
C PRO B 262 -10.52 33.41 -1.09
N SER B 263 -11.66 33.66 -0.46
CA SER B 263 -12.14 32.80 0.61
C SER B 263 -12.64 31.53 -0.04
N PHE B 264 -12.83 30.47 0.75
CA PHE B 264 -13.33 29.23 0.18
C PHE B 264 -14.73 29.30 -0.41
N PRO B 265 -15.59 30.16 0.16
CA PRO B 265 -16.91 30.26 -0.46
C PRO B 265 -16.77 30.71 -1.91
N ARG B 266 -15.88 31.65 -2.18
CA ARG B 266 -15.73 32.11 -3.54
C ARG B 266 -14.90 31.12 -4.36
N ILE B 267 -13.96 30.44 -3.71
CA ILE B 267 -13.16 29.43 -4.39
C ILE B 267 -14.08 28.34 -4.92
N LEU B 268 -15.00 27.94 -4.06
CA LEU B 268 -15.90 26.85 -4.38
C LEU B 268 -16.86 27.22 -5.50
N ALA B 269 -17.42 28.44 -5.45
CA ALA B 269 -18.36 28.92 -6.47
C ALA B 269 -17.69 29.01 -7.83
N GLU B 270 -16.47 29.53 -7.82
CA GLU B 270 -15.66 29.64 -9.04
C GLU B 270 -15.36 28.28 -9.68
N ILE B 271 -15.16 27.25 -8.86
CA ILE B 271 -14.89 25.90 -9.38
C ILE B 271 -16.15 25.32 -9.97
N GLU B 272 -17.26 25.56 -9.28
CA GLU B 272 -18.54 25.04 -9.72
C GLU B 272 -19.00 25.69 -11.01
N GLU B 273 -18.68 26.96 -11.17
CA GLU B 273 -19.00 27.65 -12.40
C GLU B 273 -18.19 27.09 -13.56
N LEU B 274 -16.86 27.05 -13.40
CA LEU B 274 -15.99 26.57 -14.47
C LEU B 274 -16.22 25.11 -14.82
N ALA B 275 -16.60 24.27 -13.85
CA ALA B 275 -16.81 22.87 -14.18
C ALA B 275 -18.02 22.69 -15.10
N ARG B 276 -18.97 23.61 -15.00
CA ARG B 276 -20.15 23.53 -15.84
C ARG B 276 -19.86 24.17 -17.19
N GLU B 277 -19.05 25.22 -17.16
CA GLU B 277 -18.61 25.89 -18.37
C GLU B 277 -17.61 25.05 -19.18
#